data_1XQ7
#
_entry.id   1XQ7
#
_cell.length_a   52.269
_cell.length_b   57.059
_cell.length_c   58.807
_cell.angle_alpha   110.49
_cell.angle_beta   108.21
_cell.angle_gamma   105.40
#
_symmetry.space_group_name_H-M   'P 1'
#
loop_
_entity.id
_entity.type
_entity.pdbx_description
1 polymer 'PEPTIDYL-PROLYL CIS-TRANS ISOMERASE'
2 polymer 'CYCLOSPORIN A'
3 water water
#
loop_
_entity_poly.entity_id
_entity_poly.type
_entity_poly.pdbx_seq_one_letter_code
_entity_poly.pdbx_strand_id
1 'polypeptide(L)'
;MPVVTDKVYFDITIGDEPVGRVVIGLFGNDVPKTVENFKQLASGENGFGYKGSIFHRVIRNFMIQGGDFTNFDGTGGKSI
YGTRFDDENLKIKHFVGAVSMANAGPNSNGSQFFVTTAPTPWLDGRHVVFGKVVEGMDVVKKVENTKTGLNDKPKKAVKI
NDCGVL
;
A,B,C
2 'polypeptide(L)' (DAL)(MLE)(MLE)(MVA)(BMT)(ABA)(SAR)(MLE)V(MLE)A D,E,F
#
# COMPACT_ATOMS: atom_id res chain seq x y z
N MET A 1 -0.20 3.64 24.28
CA MET A 1 -1.12 3.98 23.17
C MET A 1 -2.53 4.37 23.72
N PRO A 2 -2.96 5.62 23.49
CA PRO A 2 -4.32 6.03 23.91
C PRO A 2 -5.33 5.19 23.16
N VAL A 3 -6.52 5.01 23.73
CA VAL A 3 -7.49 4.17 23.10
C VAL A 3 -8.48 4.95 22.26
N VAL A 4 -8.79 4.42 21.08
CA VAL A 4 -9.83 5.01 20.17
C VAL A 4 -11.27 4.64 20.64
N THR A 5 -12.04 5.67 20.95
CA THR A 5 -13.38 5.59 21.51
C THR A 5 -14.46 5.97 20.47
N ASP A 6 -14.14 6.77 19.48
CA ASP A 6 -15.13 7.16 18.47
C ASP A 6 -14.36 7.35 17.18
N LYS A 7 -15.07 7.32 16.06
CA LYS A 7 -14.42 7.57 14.78
C LYS A 7 -15.19 8.59 13.96
N VAL A 8 -14.48 9.52 13.32
CA VAL A 8 -15.18 10.35 12.34
C VAL A 8 -14.58 10.22 10.92
N TYR A 9 -15.38 10.45 9.87
CA TYR A 9 -14.87 10.39 8.53
C TYR A 9 -14.91 11.75 7.79
N PHE A 10 -13.99 11.95 6.87
CA PHE A 10 -14.01 13.08 5.94
C PHE A 10 -13.94 12.52 4.52
N ASP A 11 -14.91 12.82 3.67
CA ASP A 11 -14.75 12.53 2.23
C ASP A 11 -14.18 13.73 1.53
N ILE A 12 -12.98 13.57 0.99
CA ILE A 12 -12.16 14.64 0.36
C ILE A 12 -12.31 14.71 -1.17
N THR A 13 -12.45 15.96 -1.68
CA THR A 13 -12.20 16.29 -3.09
C THR A 13 -11.05 17.32 -3.25
N ILE A 14 -10.37 17.20 -4.39
CA ILE A 14 -9.24 18.05 -4.79
C ILE A 14 -9.71 18.64 -6.11
N GLY A 15 -9.82 19.97 -6.21
CA GLY A 15 -10.37 20.62 -7.38
C GLY A 15 -11.67 19.99 -7.90
N ASP A 16 -12.42 19.36 -6.99
CA ASP A 16 -13.73 18.73 -7.28
C ASP A 16 -13.70 17.24 -7.62
N GLU A 17 -12.53 16.67 -7.88
CA GLU A 17 -12.48 15.23 -8.11
C GLU A 17 -12.49 14.53 -6.72
N PRO A 18 -13.31 13.48 -6.52
CA PRO A 18 -13.29 12.75 -5.23
C PRO A 18 -11.95 12.09 -5.09
N VAL A 19 -11.30 12.15 -3.94
CA VAL A 19 -10.03 11.42 -3.80
C VAL A 19 -10.02 10.38 -2.67
N GLY A 20 -11.19 10.15 -2.05
CA GLY A 20 -11.37 9.16 -1.00
C GLY A 20 -11.73 9.74 0.37
N ARG A 21 -11.74 8.83 1.35
CA ARG A 21 -12.20 9.03 2.68
C ARG A 21 -11.04 8.84 3.65
N VAL A 22 -10.95 9.73 4.63
CA VAL A 22 -10.09 9.53 5.75
C VAL A 22 -10.99 9.27 6.93
N VAL A 23 -10.63 8.27 7.74
CA VAL A 23 -11.26 8.00 9.00
C VAL A 23 -10.34 8.32 10.18
N ILE A 24 -10.80 9.11 11.10
CA ILE A 24 -10.03 9.57 12.26
C ILE A 24 -10.63 8.97 13.51
N GLY A 25 -9.79 8.20 14.22
CA GLY A 25 -10.13 7.65 15.51
C GLY A 25 -9.78 8.64 16.64
N LEU A 26 -10.76 8.94 17.47
CA LEU A 26 -10.65 9.91 18.55
C LEU A 26 -10.32 9.33 19.97
N PHE A 27 -9.48 10.02 20.74
CA PHE A 27 -9.02 9.49 22.08
C PHE A 27 -9.93 10.05 23.17
N GLY A 28 -11.18 9.59 23.18
CA GLY A 28 -12.22 10.24 24.00
C GLY A 28 -12.13 9.94 25.49
N ASN A 29 -11.38 8.93 25.90
CA ASN A 29 -11.16 8.77 27.33
C ASN A 29 -10.04 9.67 27.84
N ASP A 30 -9.12 10.09 26.97
CA ASP A 30 -8.00 10.93 27.42
C ASP A 30 -8.22 12.44 27.25
N VAL A 31 -8.94 12.88 26.20
CA VAL A 31 -9.18 14.32 25.96
C VAL A 31 -10.66 14.56 25.59
N PRO A 32 -11.58 14.20 26.50
CA PRO A 32 -13.01 14.14 26.17
C PRO A 32 -13.55 15.46 25.62
N LYS A 33 -13.11 16.58 26.14
CA LYS A 33 -13.65 17.88 25.75
C LYS A 33 -13.20 18.28 24.33
N THR A 34 -11.96 17.96 24.00
CA THR A 34 -11.42 18.20 22.71
C THR A 34 -12.07 17.26 21.70
N VAL A 35 -12.23 16.00 22.06
CA VAL A 35 -12.93 15.05 21.19
C VAL A 35 -14.44 15.35 20.93
N GLU A 36 -15.20 15.74 21.95
CA GLU A 36 -16.54 16.33 21.81
C GLU A 36 -16.59 17.47 20.83
N ASN A 37 -15.67 18.40 20.96
CA ASN A 37 -15.65 19.58 20.05
C ASN A 37 -15.51 19.09 18.57
N PHE A 38 -14.56 18.18 18.34
CA PHE A 38 -14.25 17.71 16.98
C PHE A 38 -15.44 16.91 16.42
N LYS A 39 -16.01 16.01 17.21
CA LYS A 39 -17.19 15.24 16.75
C LYS A 39 -18.34 16.06 16.29
N GLN A 40 -18.73 17.00 17.14
CA GLN A 40 -19.80 17.90 16.88
C GLN A 40 -19.59 18.83 15.69
N LEU A 41 -18.37 19.25 15.44
CA LEU A 41 -18.04 20.02 14.30
C LEU A 41 -18.08 19.14 13.04
N ALA A 42 -17.64 17.87 13.13
CA ALA A 42 -17.81 16.89 12.07
C ALA A 42 -19.33 16.53 11.79
N SER A 43 -20.16 16.34 12.83
CA SER A 43 -21.57 16.13 12.59
C SER A 43 -22.29 17.42 12.15
N GLY A 44 -21.72 18.58 12.49
CA GLY A 44 -22.36 19.86 12.25
C GLY A 44 -23.60 20.13 13.11
N GLU A 45 -23.68 19.53 14.32
CA GLU A 45 -24.99 19.46 14.96
C GLU A 45 -25.42 20.75 15.61
N ASN A 46 -24.45 21.66 15.78
CA ASN A 46 -24.75 23.00 16.30
C ASN A 46 -25.11 24.03 15.23
N GLY A 47 -25.11 23.64 13.95
CA GLY A 47 -25.48 24.56 12.86
C GLY A 47 -24.28 25.10 12.07
N PHE A 48 -23.08 24.67 12.47
CA PHE A 48 -21.84 25.02 11.81
C PHE A 48 -20.88 23.84 12.00
N GLY A 49 -19.84 23.78 11.16
CA GLY A 49 -18.77 22.86 11.36
C GLY A 49 -17.98 22.57 10.10
N TYR A 50 -17.33 21.41 10.07
CA TYR A 50 -16.36 21.12 8.99
C TYR A 50 -16.87 20.96 7.56
N LYS A 51 -18.12 20.60 7.37
CA LYS A 51 -18.50 20.22 6.04
C LYS A 51 -18.32 21.38 5.09
N GLY A 52 -17.60 21.16 3.98
CA GLY A 52 -17.46 22.22 2.99
C GLY A 52 -16.25 23.10 3.29
N SER A 53 -15.50 22.77 4.33
CA SER A 53 -14.36 23.62 4.63
C SER A 53 -13.14 23.07 3.86
N ILE A 54 -12.02 23.76 3.88
CA ILE A 54 -10.85 23.30 3.13
C ILE A 54 -9.63 23.02 4.02
N PHE A 55 -8.70 22.26 3.49
CA PHE A 55 -7.31 22.22 3.97
C PHE A 55 -6.51 23.42 3.33
N HIS A 56 -6.37 24.50 4.10
CA HIS A 56 -5.90 25.76 3.50
C HIS A 56 -4.35 25.80 3.45
N ARG A 57 -3.68 24.89 4.19
CA ARG A 57 -2.21 24.88 4.27
C ARG A 57 -1.73 23.47 4.25
N VAL A 58 -0.90 23.15 3.26
CA VAL A 58 -0.47 21.76 3.09
C VAL A 58 1.06 21.78 2.89
N ILE A 59 1.81 21.11 3.76
CA ILE A 59 3.27 21.03 3.63
C ILE A 59 3.74 19.61 3.51
N ARG A 60 4.36 19.28 2.38
CA ARG A 60 4.81 17.89 2.12
C ARG A 60 5.85 17.43 3.12
N ASN A 61 5.71 16.19 3.59
CA ASN A 61 6.55 15.63 4.64
C ASN A 61 6.38 16.33 5.99
N PHE A 62 5.28 17.04 6.18
CA PHE A 62 5.03 17.68 7.47
C PHE A 62 3.58 17.43 7.91
N MET A 63 2.62 18.22 7.47
CA MET A 63 1.25 18.04 7.87
C MET A 63 0.31 18.66 6.84
N ILE A 64 -1.01 18.45 7.05
CA ILE A 64 -2.07 19.13 6.30
C ILE A 64 -2.93 19.79 7.37
N GLN A 65 -3.35 21.03 7.14
CA GLN A 65 -4.02 21.82 8.18
C GLN A 65 -5.35 22.28 7.64
N GLY A 66 -6.39 22.11 8.44
CA GLY A 66 -7.71 22.53 8.02
C GLY A 66 -8.57 22.97 9.19
N GLY A 67 -9.88 23.00 8.99
CA GLY A 67 -10.83 23.31 10.05
C GLY A 67 -11.25 24.75 10.19
N ASP A 68 -10.82 25.63 9.29
CA ASP A 68 -11.17 27.05 9.44
C ASP A 68 -12.40 27.31 8.63
N PHE A 69 -13.55 26.96 9.22
CA PHE A 69 -14.82 27.12 8.49
C PHE A 69 -15.42 28.54 8.56
N THR A 70 -14.76 29.47 9.22
CA THR A 70 -15.26 30.84 9.21
C THR A 70 -14.55 31.66 8.12
N ASN A 71 -13.22 31.68 8.12
CA ASN A 71 -12.52 32.50 7.13
C ASN A 71 -11.81 31.74 6.00
N PHE A 72 -11.67 30.43 6.13
CA PHE A 72 -11.07 29.68 5.04
C PHE A 72 -9.58 29.95 4.75
N ASP A 73 -8.85 30.60 5.67
CA ASP A 73 -7.44 30.93 5.40
C ASP A 73 -6.55 30.79 6.59
N GLY A 74 -7.06 30.20 7.65
CA GLY A 74 -6.25 29.92 8.82
C GLY A 74 -6.32 30.95 9.94
N THR A 75 -7.09 32.03 9.74
CA THR A 75 -7.21 33.06 10.77
C THR A 75 -8.45 32.83 11.62
N GLY A 76 -9.36 31.94 11.19
CA GLY A 76 -10.67 31.86 11.83
C GLY A 76 -10.98 30.52 12.48
N GLY A 77 -12.29 30.26 12.56
CA GLY A 77 -12.84 29.03 13.09
C GLY A 77 -13.34 29.26 14.51
N LYS A 78 -14.08 28.29 15.06
CA LYS A 78 -14.60 28.42 16.42
C LYS A 78 -14.96 27.09 16.96
N SER A 79 -14.92 27.00 18.27
CA SER A 79 -15.20 25.74 18.96
C SER A 79 -16.69 25.68 19.23
N ILE A 80 -17.15 24.53 19.75
CA ILE A 80 -18.51 24.47 20.25
C ILE A 80 -18.67 25.23 21.61
N TYR A 81 -17.57 25.64 22.25
CA TYR A 81 -17.66 26.29 23.57
C TYR A 81 -17.50 27.81 23.48
N GLY A 82 -17.62 28.35 22.28
CA GLY A 82 -17.23 29.73 21.98
C GLY A 82 -15.99 29.76 21.07
N THR A 83 -15.44 30.97 20.87
CA THR A 83 -14.28 31.16 20.01
C THR A 83 -13.17 30.16 20.38
N ARG A 84 -12.72 30.19 21.63
CA ARG A 84 -11.52 29.44 21.98
C ARG A 84 -11.71 28.62 23.26
N PHE A 85 -10.94 27.55 23.44
CA PHE A 85 -10.99 26.80 24.71
C PHE A 85 -9.64 26.24 25.14
N ASP A 86 -9.57 25.85 26.40
CA ASP A 86 -8.27 25.62 27.05
C ASP A 86 -7.66 24.31 26.53
N ASP A 87 -6.34 24.15 26.70
CA ASP A 87 -5.63 22.90 26.35
C ASP A 87 -6.04 21.81 27.37
N GLU A 88 -6.44 20.65 26.89
CA GLU A 88 -7.03 19.68 27.78
C GLU A 88 -5.92 18.83 28.40
N ASN A 89 -5.02 18.36 27.57
CA ASN A 89 -3.94 17.52 28.03
C ASN A 89 -2.87 17.66 27.02
N LEU A 90 -1.64 17.88 27.45
CA LEU A 90 -0.60 18.12 26.49
C LEU A 90 0.43 17.02 26.61
N LYS A 91 0.07 15.93 27.28
CA LYS A 91 0.97 14.81 27.47
C LYS A 91 1.03 13.80 26.30
N ILE A 92 -0.02 13.70 25.49
CA ILE A 92 0.00 12.79 24.36
C ILE A 92 0.93 13.34 23.30
N LYS A 93 1.84 12.47 22.89
CA LYS A 93 2.94 12.80 21.97
C LYS A 93 2.46 12.74 20.55
N HIS A 94 3.10 13.50 19.66
CA HIS A 94 2.76 13.36 18.25
C HIS A 94 3.37 12.07 17.68
N PHE A 95 2.93 11.64 16.49
CA PHE A 95 3.42 10.41 15.82
C PHE A 95 2.84 10.57 14.41
N VAL A 96 3.26 9.74 13.43
CA VAL A 96 2.80 9.87 12.05
C VAL A 96 1.33 9.49 12.04
N GLY A 97 0.48 10.37 11.50
CA GLY A 97 -0.96 10.23 11.40
C GLY A 97 -1.73 10.75 12.60
N ALA A 98 -1.04 11.49 13.47
CA ALA A 98 -1.71 12.13 14.62
C ALA A 98 -2.55 13.24 14.15
N VAL A 99 -3.64 13.43 14.88
CA VAL A 99 -4.56 14.50 14.55
C VAL A 99 -4.51 15.40 15.79
N SER A 100 -4.29 16.69 15.59
CA SER A 100 -3.87 17.58 16.67
C SER A 100 -4.47 19.00 16.47
N MET A 101 -4.69 19.72 17.56
CA MET A 101 -5.23 21.09 17.45
C MET A 101 -4.18 22.13 17.05
N ALA A 102 -4.49 22.87 15.99
CA ALA A 102 -3.70 24.07 15.70
C ALA A 102 -4.04 25.04 16.83
N ASN A 103 -3.16 25.99 17.11
CA ASN A 103 -3.49 27.03 18.07
C ASN A 103 -2.77 28.36 17.78
N ALA A 104 -2.86 29.31 18.68
CA ALA A 104 -2.00 30.49 18.58
C ALA A 104 -1.30 30.84 19.90
N GLY A 105 -0.72 29.85 20.57
CA GLY A 105 -0.21 30.10 21.92
C GLY A 105 -1.03 29.27 22.87
N PRO A 106 -0.77 29.34 24.18
CA PRO A 106 -1.53 28.57 25.16
C PRO A 106 -3.06 28.77 25.14
N ASN A 107 -3.78 27.67 25.36
CA ASN A 107 -5.23 27.69 25.60
C ASN A 107 -6.04 28.46 24.54
N SER A 108 -5.72 28.24 23.29
CA SER A 108 -6.45 28.86 22.21
C SER A 108 -6.80 27.86 21.11
N ASN A 109 -7.34 26.71 21.49
CA ASN A 109 -7.98 25.80 20.53
C ASN A 109 -9.28 26.33 19.97
N GLY A 110 -9.52 26.14 18.69
CA GLY A 110 -10.81 26.53 18.14
C GLY A 110 -11.40 25.39 17.37
N SER A 111 -11.35 25.46 16.04
CA SER A 111 -11.78 24.34 15.19
C SER A 111 -10.62 23.85 14.28
N GLN A 112 -9.55 24.62 14.17
CA GLN A 112 -8.43 24.27 13.24
C GLN A 112 -7.60 23.09 13.74
N PHE A 113 -7.31 22.12 12.87
CA PHE A 113 -6.63 20.89 13.32
C PHE A 113 -5.65 20.59 12.19
N PHE A 114 -4.70 19.66 12.42
CA PHE A 114 -3.76 19.13 11.43
C PHE A 114 -3.60 17.64 11.57
N VAL A 115 -3.27 17.01 10.43
CA VAL A 115 -2.90 15.57 10.41
C VAL A 115 -1.44 15.60 9.98
N THR A 116 -0.55 15.08 10.83
CA THR A 116 0.86 14.96 10.47
C THR A 116 1.11 13.76 9.54
N THR A 117 2.17 13.86 8.75
CA THR A 117 2.48 12.80 7.78
C THR A 117 3.94 12.37 7.91
N ALA A 118 4.59 12.77 9.00
CA ALA A 118 5.97 12.44 9.35
C ALA A 118 6.06 12.72 10.86
N PRO A 119 7.15 12.34 11.51
CA PRO A 119 7.31 12.69 12.94
C PRO A 119 7.46 14.21 13.15
N THR A 120 6.77 14.72 14.17
CA THR A 120 6.82 16.14 14.54
C THR A 120 7.00 16.32 16.05
N PRO A 121 8.06 15.75 16.62
CA PRO A 121 8.25 15.82 18.08
C PRO A 121 8.51 17.24 18.65
N TRP A 122 8.83 18.21 17.81
CA TRP A 122 9.07 19.59 18.28
C TRP A 122 7.76 20.29 18.61
N LEU A 123 6.64 19.63 18.29
CA LEU A 123 5.33 20.19 18.65
C LEU A 123 4.82 19.67 19.98
N ASP A 124 5.51 18.67 20.50
CA ASP A 124 5.07 17.94 21.70
C ASP A 124 4.99 18.93 22.86
N GLY A 125 3.99 18.77 23.72
CA GLY A 125 3.72 19.67 24.83
C GLY A 125 3.12 21.01 24.43
N ARG A 126 2.96 21.24 23.14
CA ARG A 126 2.50 22.52 22.65
C ARG A 126 1.13 22.45 21.94
N HIS A 127 0.74 21.28 21.42
CA HIS A 127 -0.54 21.21 20.68
C HIS A 127 -1.21 20.00 21.24
N VAL A 128 -2.51 20.05 21.44
CA VAL A 128 -3.22 18.92 22.05
C VAL A 128 -3.47 17.84 20.96
N VAL A 129 -2.98 16.61 21.18
CA VAL A 129 -3.20 15.52 20.24
C VAL A 129 -4.44 14.85 20.73
N PHE A 130 -5.39 14.56 19.84
CA PHE A 130 -6.66 14.06 20.31
C PHE A 130 -7.16 12.91 19.46
N GLY A 131 -6.39 12.51 18.45
CA GLY A 131 -6.85 11.46 17.57
C GLY A 131 -5.74 10.94 16.70
N LYS A 132 -6.06 9.95 15.86
CA LYS A 132 -5.16 9.46 14.81
C LYS A 132 -5.97 8.96 13.58
N VAL A 133 -5.32 8.94 12.43
CA VAL A 133 -5.89 8.33 11.20
C VAL A 133 -5.93 6.82 11.40
N VAL A 134 -7.07 6.20 11.32
CA VAL A 134 -7.18 4.76 11.40
C VAL A 134 -7.53 4.10 10.05
N GLU A 135 -7.81 4.91 9.02
CA GLU A 135 -8.05 4.44 7.66
C GLU A 135 -7.85 5.64 6.69
N GLY A 136 -7.33 5.40 5.49
CA GLY A 136 -7.17 6.47 4.49
C GLY A 136 -5.85 7.22 4.54
N MET A 137 -4.81 6.62 5.09
CA MET A 137 -3.52 7.24 5.02
C MET A 137 -3.08 7.48 3.52
N ASP A 138 -3.48 6.62 2.58
CA ASP A 138 -3.35 6.82 1.14
C ASP A 138 -3.97 8.15 0.62
N VAL A 139 -5.09 8.55 1.18
CA VAL A 139 -5.82 9.76 0.82
C VAL A 139 -5.09 10.95 1.44
N VAL A 140 -4.68 10.82 2.69
CA VAL A 140 -3.87 11.83 3.35
C VAL A 140 -2.61 12.08 2.52
N LYS A 141 -1.98 11.00 2.02
CA LYS A 141 -0.83 11.13 1.08
C LYS A 141 -1.09 12.05 -0.16
N LYS A 142 -2.17 11.79 -0.90
CA LYS A 142 -2.61 12.65 -2.03
C LYS A 142 -2.74 14.09 -1.68
N VAL A 143 -3.32 14.37 -0.52
CA VAL A 143 -3.52 15.73 -0.14
C VAL A 143 -2.15 16.35 0.02
N GLU A 144 -1.26 15.74 0.81
CA GLU A 144 0.03 16.38 1.13
C GLU A 144 0.89 16.53 -0.13
N ASN A 145 0.56 15.80 -1.19
CA ASN A 145 1.22 15.91 -2.46
C ASN A 145 0.60 16.90 -3.53
N THR A 146 -0.47 17.64 -3.20
CA THR A 146 -0.99 18.58 -4.20
C THR A 146 -0.03 19.70 -4.43
N LYS A 147 -0.09 20.28 -5.62
CA LYS A 147 0.71 21.47 -5.94
C LYS A 147 0.18 22.63 -5.04
N THR A 148 1.11 23.41 -4.49
CA THR A 148 0.77 24.52 -3.62
C THR A 148 1.45 25.80 -4.11
N GLY A 149 0.87 26.95 -3.78
CA GLY A 149 1.46 28.24 -4.10
C GLY A 149 1.86 28.99 -2.85
N LEU A 150 1.48 30.27 -2.81
CA LEU A 150 1.84 31.19 -1.73
C LEU A 150 1.39 30.63 -0.38
N ASN A 151 2.25 30.82 0.63
CA ASN A 151 2.13 30.21 1.97
C ASN A 151 1.52 28.82 1.99
N ASP A 152 1.95 27.96 1.08
CA ASP A 152 1.54 26.55 1.10
C ASP A 152 0.03 26.31 0.88
N LYS A 153 -0.63 27.20 0.13
CA LYS A 153 -2.04 27.05 -0.21
C LYS A 153 -2.16 26.14 -1.43
N PRO A 154 -2.91 25.02 -1.36
CA PRO A 154 -3.15 24.17 -2.53
C PRO A 154 -3.68 25.00 -3.75
N LYS A 155 -3.23 24.71 -4.97
CA LYS A 155 -3.71 25.45 -6.17
C LYS A 155 -5.15 25.10 -6.46
N LYS A 156 -5.50 23.83 -6.23
CA LYS A 156 -6.92 23.39 -6.38
C LYS A 156 -7.45 23.26 -4.98
N ALA A 157 -8.71 23.54 -4.78
CA ALA A 157 -9.20 23.52 -3.40
C ALA A 157 -9.28 22.07 -2.92
N VAL A 158 -8.90 21.85 -1.67
CA VAL A 158 -8.96 20.51 -1.07
C VAL A 158 -10.06 20.68 -0.03
N LYS A 159 -11.22 20.12 -0.38
CA LYS A 159 -12.47 20.27 0.34
C LYS A 159 -12.86 19.06 1.12
N ILE A 160 -13.51 19.29 2.25
CA ILE A 160 -14.19 18.22 2.94
C ILE A 160 -15.55 18.33 2.36
N ASN A 161 -15.80 17.51 1.37
CA ASN A 161 -17.07 17.46 0.70
C ASN A 161 -18.21 16.93 1.58
N ASP A 162 -17.91 15.95 2.43
CA ASP A 162 -18.80 15.44 3.46
C ASP A 162 -18.03 14.93 4.66
N CYS A 163 -18.63 14.95 5.83
CA CYS A 163 -17.99 14.36 7.00
C CYS A 163 -19.09 13.98 7.97
N GLY A 164 -18.75 13.21 9.00
CA GLY A 164 -19.70 12.85 10.00
C GLY A 164 -19.16 11.74 10.88
N VAL A 165 -20.00 11.20 11.72
CA VAL A 165 -19.54 10.34 12.80
C VAL A 165 -19.94 8.90 12.42
N LEU A 166 -18.96 8.04 12.35
CA LEU A 166 -19.21 6.60 12.15
C LEU A 166 -19.64 5.83 13.43
N MET B 1 -8.14 -16.72 -7.10
CA MET B 1 -7.42 -15.84 -6.11
C MET B 1 -8.36 -15.09 -5.13
N PRO B 2 -8.07 -15.10 -3.82
CA PRO B 2 -8.73 -14.21 -2.86
C PRO B 2 -8.55 -12.72 -3.21
N VAL B 3 -9.57 -11.95 -2.90
CA VAL B 3 -9.58 -10.53 -3.19
C VAL B 3 -9.09 -9.73 -1.95
N VAL B 4 -8.18 -8.80 -2.21
CA VAL B 4 -7.75 -7.80 -1.26
C VAL B 4 -8.85 -6.72 -1.05
N THR B 5 -9.24 -6.51 0.21
CA THR B 5 -10.31 -5.59 0.56
C THR B 5 -9.76 -4.43 1.36
N ASP B 6 -8.56 -4.53 1.90
CA ASP B 6 -8.06 -3.51 2.84
C ASP B 6 -6.54 -3.57 2.66
N LYS B 7 -5.87 -2.47 2.92
CA LYS B 7 -4.41 -2.42 2.89
C LYS B 7 -3.76 -1.79 4.15
N VAL B 8 -2.69 -2.43 4.60
CA VAL B 8 -1.90 -1.98 5.73
C VAL B 8 -0.41 -1.77 5.31
N TYR B 9 0.23 -0.74 5.81
CA TYR B 9 1.65 -0.53 5.60
C TYR B 9 2.43 -0.62 6.86
N PHE B 10 3.68 -0.97 6.66
CA PHE B 10 4.71 -1.07 7.70
C PHE B 10 5.92 -0.40 7.10
N ASP B 11 6.41 0.67 7.75
CA ASP B 11 7.73 1.26 7.46
C ASP B 11 8.76 0.60 8.38
N ILE B 12 9.79 0.01 7.76
CA ILE B 12 10.79 -0.83 8.38
C ILE B 12 12.10 -0.07 8.44
N THR B 13 12.75 -0.17 9.59
CA THR B 13 14.12 0.20 9.73
C THR B 13 14.94 -1.02 10.20
N ILE B 14 16.24 -1.04 9.86
CA ILE B 14 17.21 -2.02 10.34
C ILE B 14 18.37 -1.33 11.01
N GLY B 15 18.59 -1.62 12.29
CA GLY B 15 19.48 -0.79 13.12
C GLY B 15 19.19 0.71 12.97
N ASP B 16 17.91 1.08 12.99
CA ASP B 16 17.44 2.48 12.88
C ASP B 16 17.66 3.14 11.49
N GLU B 17 18.16 2.34 10.56
CA GLU B 17 18.32 2.76 9.17
C GLU B 17 17.00 2.50 8.39
N PRO B 18 16.36 3.54 7.85
CA PRO B 18 15.13 3.36 7.06
C PRO B 18 15.35 2.48 5.83
N VAL B 19 14.55 1.45 5.66
CA VAL B 19 14.78 0.58 4.52
C VAL B 19 13.57 0.45 3.57
N GLY B 20 12.48 1.18 3.87
CA GLY B 20 11.34 1.22 2.99
C GLY B 20 10.02 0.70 3.56
N ARG B 21 8.97 0.83 2.75
CA ARG B 21 7.60 0.45 3.10
C ARG B 21 7.22 -0.93 2.54
N VAL B 22 6.56 -1.75 3.35
CA VAL B 22 5.94 -2.96 2.89
C VAL B 22 4.45 -2.67 2.99
N VAL B 23 3.68 -2.97 1.93
CA VAL B 23 2.22 -2.86 1.99
C VAL B 23 1.61 -4.23 1.91
N ILE B 24 0.77 -4.56 2.87
CA ILE B 24 0.06 -5.82 2.88
C ILE B 24 -1.41 -5.66 2.53
N GLY B 25 -1.85 -6.41 1.53
CA GLY B 25 -3.29 -6.48 1.22
C GLY B 25 -3.99 -7.65 1.93
N LEU B 26 -5.16 -7.38 2.49
CA LEU B 26 -5.83 -8.33 3.39
C LEU B 26 -7.07 -8.88 2.73
N PHE B 27 -7.27 -10.18 2.92
CA PHE B 27 -8.38 -10.93 2.33
C PHE B 27 -9.59 -10.88 3.25
N GLY B 28 -10.23 -9.72 3.29
CA GLY B 28 -11.28 -9.43 4.24
C GLY B 28 -12.60 -10.13 3.94
N ASN B 29 -12.86 -10.56 2.68
CA ASN B 29 -14.12 -11.28 2.39
C ASN B 29 -14.03 -12.75 2.78
N ASP B 30 -12.80 -13.25 2.97
CA ASP B 30 -12.54 -14.68 3.16
C ASP B 30 -12.19 -15.00 4.60
N VAL B 31 -11.44 -14.10 5.21
CA VAL B 31 -11.03 -14.22 6.61
C VAL B 31 -11.27 -12.91 7.41
N PRO B 32 -12.53 -12.52 7.56
CA PRO B 32 -12.84 -11.20 8.12
C PRO B 32 -12.38 -11.08 9.57
N LYS B 33 -12.46 -12.13 10.39
CA LYS B 33 -12.17 -12.00 11.80
C LYS B 33 -10.63 -11.84 12.02
N THR B 34 -9.89 -12.58 11.22
CA THR B 34 -8.42 -12.50 11.24
C THR B 34 -7.95 -11.17 10.63
N VAL B 35 -8.60 -10.74 9.56
CA VAL B 35 -8.25 -9.47 8.95
C VAL B 35 -8.45 -8.29 9.92
N GLU B 36 -9.57 -8.34 10.68
CA GLU B 36 -9.89 -7.28 11.60
C GLU B 36 -8.87 -7.12 12.73
N ASN B 37 -8.43 -8.23 13.28
CA ASN B 37 -7.38 -8.27 14.26
C ASN B 37 -6.12 -7.59 13.74
N PHE B 38 -5.65 -8.02 12.56
CA PHE B 38 -4.47 -7.41 11.97
C PHE B 38 -4.57 -5.88 11.68
N LYS B 39 -5.69 -5.46 11.10
CA LYS B 39 -5.92 -4.06 10.77
C LYS B 39 -5.94 -3.22 12.05
N GLN B 40 -6.55 -3.75 13.12
CA GLN B 40 -6.66 -2.94 14.38
C GLN B 40 -5.31 -2.88 15.16
N LEU B 41 -4.52 -3.96 15.07
CA LEU B 41 -3.17 -3.95 15.59
C LEU B 41 -2.26 -3.07 14.80
N ALA B 42 -2.49 -2.99 13.50
CA ALA B 42 -1.64 -2.15 12.72
C ALA B 42 -2.01 -0.68 13.00
N SER B 43 -3.29 -0.40 13.22
CA SER B 43 -3.70 0.98 13.53
C SER B 43 -3.48 1.41 14.96
N GLY B 44 -3.32 0.43 15.85
CA GLY B 44 -3.18 0.63 17.28
C GLY B 44 -4.45 1.14 17.94
N GLU B 45 -5.61 0.83 17.35
CA GLU B 45 -6.92 1.37 17.79
C GLU B 45 -7.24 1.11 19.27
N ASN B 46 -6.86 -0.08 19.72
CA ASN B 46 -7.15 -0.50 21.09
C ASN B 46 -6.17 -0.08 22.20
N GLY B 47 -5.13 0.68 21.84
CA GLY B 47 -4.14 1.03 22.86
C GLY B 47 -2.89 0.19 22.78
N PHE B 48 -2.83 -0.74 21.84
CA PHE B 48 -1.66 -1.57 21.67
C PHE B 48 -1.69 -2.04 20.22
N GLY B 49 -0.50 -2.38 19.73
CA GLY B 49 -0.39 -3.13 18.46
C GLY B 49 1.01 -3.11 17.91
N TYR B 50 1.16 -3.09 16.60
CA TYR B 50 2.44 -3.40 15.99
C TYR B 50 3.48 -2.28 15.98
N LYS B 51 3.09 -1.03 16.26
CA LYS B 51 4.08 0.01 16.14
C LYS B 51 5.20 -0.24 17.16
N GLY B 52 6.43 -0.30 16.67
CA GLY B 52 7.61 -0.38 17.51
C GLY B 52 8.01 -1.80 17.80
N SER B 53 7.26 -2.79 17.31
CA SER B 53 7.62 -4.22 17.45
C SER B 53 8.64 -4.62 16.37
N ILE B 54 9.28 -5.76 16.53
CA ILE B 54 10.37 -6.16 15.68
C ILE B 54 10.00 -7.48 14.95
N PHE B 55 10.80 -7.79 13.93
CA PHE B 55 10.80 -9.10 13.25
C PHE B 55 11.81 -9.94 13.99
N HIS B 56 11.34 -10.72 14.92
CA HIS B 56 12.24 -11.27 15.88
C HIS B 56 12.91 -12.53 15.31
N ARG B 57 12.40 -13.04 14.20
CA ARG B 57 13.00 -14.27 13.65
C ARG B 57 13.03 -14.26 12.15
N VAL B 58 14.20 -14.42 11.56
CA VAL B 58 14.32 -14.28 10.12
C VAL B 58 15.12 -15.47 9.60
N ILE B 59 14.57 -16.13 8.57
CA ILE B 59 15.21 -17.32 7.96
C ILE B 59 15.18 -17.09 6.44
N ARG B 60 16.35 -16.82 5.90
CA ARG B 60 16.58 -16.58 4.50
C ARG B 60 16.00 -17.78 3.73
N ASN B 61 15.20 -17.49 2.71
CA ASN B 61 14.54 -18.50 1.81
C ASN B 61 13.39 -19.22 2.45
N PHE B 62 12.79 -18.58 3.44
CA PHE B 62 11.69 -19.21 4.16
C PHE B 62 10.75 -18.11 4.55
N MET B 63 11.09 -17.33 5.55
CA MET B 63 10.13 -16.34 6.04
C MET B 63 10.70 -15.34 7.01
N ILE B 64 9.89 -14.30 7.32
CA ILE B 64 10.20 -13.33 8.37
C ILE B 64 9.02 -13.30 9.29
N GLN B 65 9.26 -13.29 10.61
CA GLN B 65 8.21 -13.45 11.57
C GLN B 65 8.23 -12.27 12.56
N GLY B 66 7.07 -11.73 12.86
CA GLY B 66 7.00 -10.55 13.71
C GLY B 66 5.70 -10.49 14.46
N GLY B 67 5.35 -9.33 15.01
CA GLY B 67 4.05 -9.21 15.64
C GLY B 67 4.02 -9.44 17.12
N ASP B 68 5.16 -9.68 17.76
CA ASP B 68 5.13 -10.01 19.19
C ASP B 68 5.41 -8.76 19.95
N PHE B 69 4.35 -8.02 20.23
CA PHE B 69 4.51 -6.67 20.73
C PHE B 69 4.47 -6.59 22.25
N THR B 70 4.34 -7.71 22.93
CA THR B 70 4.44 -7.67 24.39
C THR B 70 5.80 -8.18 24.88
N ASN B 71 6.35 -9.22 24.22
CA ASN B 71 7.61 -9.86 24.69
C ASN B 71 8.81 -9.69 23.70
N PHE B 72 8.53 -9.36 22.43
CA PHE B 72 9.55 -9.15 21.39
C PHE B 72 10.51 -10.34 21.14
N ASP B 73 9.99 -11.57 21.24
CA ASP B 73 10.86 -12.74 21.04
C ASP B 73 10.13 -13.99 20.62
N GLY B 74 8.85 -13.85 20.27
CA GLY B 74 8.04 -14.96 19.77
C GLY B 74 7.23 -15.71 20.82
N THR B 75 7.34 -15.29 22.09
CA THR B 75 6.62 -16.01 23.15
C THR B 75 5.30 -15.35 23.51
N GLY B 76 5.07 -14.14 23.00
CA GLY B 76 3.99 -13.32 23.53
C GLY B 76 3.04 -12.80 22.45
N GLY B 77 2.49 -11.63 22.73
CA GLY B 77 1.55 -10.96 21.83
C GLY B 77 0.13 -11.44 22.14
N LYS B 78 -0.85 -10.74 21.59
CA LYS B 78 -2.26 -10.95 21.93
C LYS B 78 -3.15 -10.39 20.87
N SER B 79 -4.32 -10.99 20.75
CA SER B 79 -5.29 -10.57 19.77
C SER B 79 -6.22 -9.47 20.29
N ILE B 80 -6.95 -8.84 19.39
CA ILE B 80 -7.99 -7.91 19.83
C ILE B 80 -9.18 -8.57 20.55
N TYR B 81 -9.24 -9.91 20.53
CA TYR B 81 -10.43 -10.54 21.06
C TYR B 81 -10.20 -11.13 22.44
N GLY B 82 -8.97 -11.02 22.92
CA GLY B 82 -8.52 -11.80 24.05
C GLY B 82 -7.18 -12.43 23.69
N THR B 83 -6.72 -13.35 24.52
CA THR B 83 -5.38 -13.87 24.28
C THR B 83 -5.23 -14.66 22.95
N ARG B 84 -6.25 -15.43 22.56
CA ARG B 84 -6.13 -16.30 21.40
C ARG B 84 -7.49 -16.36 20.72
N PHE B 85 -7.51 -16.46 19.39
CA PHE B 85 -8.74 -16.79 18.69
C PHE B 85 -8.56 -17.99 17.77
N ASP B 86 -9.69 -18.59 17.41
CA ASP B 86 -9.75 -19.84 16.65
C ASP B 86 -9.31 -19.65 15.20
N ASP B 87 -8.83 -20.74 14.56
CA ASP B 87 -8.55 -20.80 13.09
C ASP B 87 -9.82 -20.57 12.29
N GLU B 88 -9.83 -19.51 11.50
CA GLU B 88 -11.05 -19.08 10.81
C GLU B 88 -11.26 -19.82 9.52
N ASN B 89 -10.17 -20.11 8.82
CA ASN B 89 -10.18 -20.66 7.46
C ASN B 89 -8.79 -21.25 7.22
N LEU B 90 -8.70 -22.55 6.99
CA LEU B 90 -7.43 -23.15 6.80
C LEU B 90 -7.27 -23.51 5.32
N LYS B 91 -8.08 -22.91 4.45
CA LYS B 91 -8.23 -23.41 3.08
C LYS B 91 -7.44 -22.63 2.08
N ILE B 92 -7.13 -21.39 2.38
CA ILE B 92 -6.29 -20.60 1.54
C ILE B 92 -4.87 -21.16 1.62
N LYS B 93 -4.25 -21.40 0.47
CA LYS B 93 -2.90 -21.96 0.42
C LYS B 93 -1.80 -20.92 0.55
N HIS B 94 -0.63 -21.36 1.05
CA HIS B 94 0.53 -20.43 1.12
C HIS B 94 1.07 -20.18 -0.33
N PHE B 95 1.71 -19.04 -0.58
CA PHE B 95 2.34 -18.76 -1.86
C PHE B 95 3.43 -17.77 -1.46
N VAL B 96 4.38 -17.48 -2.35
CA VAL B 96 5.39 -16.47 -2.08
C VAL B 96 4.70 -15.14 -1.91
N GLY B 97 5.07 -14.44 -0.82
CA GLY B 97 4.46 -13.16 -0.45
C GLY B 97 3.21 -13.30 0.44
N ALA B 98 2.84 -14.52 0.86
CA ALA B 98 1.63 -14.73 1.71
C ALA B 98 1.94 -14.22 3.11
N VAL B 99 0.92 -13.60 3.71
CA VAL B 99 0.97 -13.21 5.10
C VAL B 99 0.09 -14.14 5.90
N SER B 100 0.64 -14.68 6.97
CA SER B 100 -0.01 -15.82 7.61
C SER B 100 0.17 -15.75 9.14
N MET B 101 -0.73 -16.38 9.89
CA MET B 101 -0.66 -16.29 11.33
C MET B 101 0.23 -17.34 11.86
N ALA B 102 1.13 -16.92 12.76
CA ALA B 102 1.95 -17.89 13.49
C ALA B 102 1.08 -18.40 14.59
N ASN B 103 1.40 -19.55 15.21
CA ASN B 103 0.56 -20.04 16.24
C ASN B 103 1.32 -21.08 17.06
N ALA B 104 0.63 -21.72 18.00
CA ALA B 104 1.22 -22.82 18.76
C ALA B 104 0.26 -24.03 18.77
N GLY B 105 0.01 -24.61 17.58
CA GLY B 105 -1.02 -25.62 17.41
C GLY B 105 -2.37 -25.04 17.05
N PRO B 106 -3.36 -25.92 16.86
CA PRO B 106 -4.73 -25.53 16.39
C PRO B 106 -5.41 -24.42 17.22
N ASN B 107 -6.02 -23.44 16.57
CA ASN B 107 -6.81 -22.41 17.25
C ASN B 107 -6.03 -21.61 18.29
N SER B 108 -4.85 -21.14 17.91
CA SER B 108 -4.13 -20.31 18.86
C SER B 108 -3.57 -19.14 18.17
N ASN B 109 -4.40 -18.39 17.47
CA ASN B 109 -3.89 -17.19 16.85
C ASN B 109 -3.83 -16.09 17.90
N GLY B 110 -2.82 -15.21 17.82
CA GLY B 110 -2.63 -14.08 18.69
C GLY B 110 -2.45 -12.81 17.83
N SER B 111 -1.24 -12.22 17.84
CA SER B 111 -0.89 -11.08 16.96
C SER B 111 0.24 -11.48 16.06
N GLN B 112 0.95 -12.60 16.35
CA GLN B 112 2.14 -12.92 15.56
C GLN B 112 1.84 -13.43 14.17
N PHE B 113 2.62 -12.99 13.18
CA PHE B 113 2.41 -13.38 11.82
C PHE B 113 3.71 -13.58 11.12
N PHE B 114 3.64 -14.18 9.92
CA PHE B 114 4.80 -14.25 9.02
C PHE B 114 4.52 -13.92 7.57
N VAL B 115 5.56 -13.41 6.89
CA VAL B 115 5.58 -13.20 5.43
C VAL B 115 6.57 -14.20 4.85
N THR B 116 6.08 -15.10 3.98
CA THR B 116 6.98 -16.01 3.25
C THR B 116 7.75 -15.43 2.07
N THR B 117 8.92 -16.00 1.85
CA THR B 117 9.74 -15.54 0.76
C THR B 117 10.05 -16.69 -0.18
N ALA B 118 9.44 -17.84 0.06
CA ALA B 118 9.62 -19.03 -0.75
C ALA B 118 8.32 -19.81 -0.61
N PRO B 119 8.05 -20.73 -1.54
CA PRO B 119 6.93 -21.68 -1.39
C PRO B 119 7.04 -22.48 -0.06
N THR B 120 5.91 -22.67 0.61
CA THR B 120 5.87 -23.42 1.85
C THR B 120 4.60 -24.27 1.92
N PRO B 121 4.47 -25.22 0.99
CA PRO B 121 3.30 -26.10 0.96
C PRO B 121 3.13 -26.86 2.26
N TRP B 122 4.17 -27.02 3.08
CA TRP B 122 4.04 -27.90 4.25
C TRP B 122 3.35 -27.17 5.40
N LEU B 123 3.07 -25.87 5.20
CA LEU B 123 2.29 -25.10 6.17
C LEU B 123 0.79 -25.12 5.86
N ASP B 124 0.42 -25.62 4.68
CA ASP B 124 -1.04 -25.56 4.33
C ASP B 124 -1.89 -26.43 5.24
N GLY B 125 -3.02 -25.90 5.68
CA GLY B 125 -3.86 -26.59 6.63
C GLY B 125 -3.53 -26.33 8.08
N ARG B 126 -2.34 -25.81 8.35
CA ARG B 126 -1.88 -25.52 9.72
C ARG B 126 -1.90 -24.03 10.09
N HIS B 127 -1.79 -23.14 9.09
CA HIS B 127 -1.75 -21.71 9.39
C HIS B 127 -2.74 -20.92 8.61
N VAL B 128 -3.40 -19.96 9.24
CA VAL B 128 -4.34 -19.13 8.52
C VAL B 128 -3.61 -18.11 7.62
N VAL B 129 -3.78 -18.23 6.30
CA VAL B 129 -3.34 -17.18 5.34
C VAL B 129 -4.39 -16.12 5.27
N PHE B 130 -3.97 -14.85 5.38
CA PHE B 130 -4.99 -13.83 5.56
C PHE B 130 -4.72 -12.62 4.63
N GLY B 131 -3.61 -12.62 3.89
CA GLY B 131 -3.27 -11.53 3.04
C GLY B 131 -2.01 -11.80 2.25
N LYS B 132 -1.48 -10.76 1.61
CA LYS B 132 -0.31 -10.85 0.76
C LYS B 132 0.39 -9.50 0.66
N VAL B 133 1.67 -9.57 0.32
CA VAL B 133 2.46 -8.37 0.07
C VAL B 133 2.06 -7.86 -1.30
N VAL B 134 1.59 -6.62 -1.39
CA VAL B 134 1.15 -6.04 -2.65
C VAL B 134 2.10 -4.89 -3.08
N GLU B 135 2.97 -4.46 -2.19
CA GLU B 135 4.01 -3.53 -2.55
C GLU B 135 5.15 -3.71 -1.58
N GLY B 136 6.36 -3.46 -2.02
CA GLY B 136 7.50 -3.55 -1.15
C GLY B 136 8.19 -4.92 -1.03
N MET B 137 8.11 -5.78 -2.03
CA MET B 137 8.74 -7.12 -1.91
C MET B 137 10.29 -7.04 -1.79
N ASP B 138 10.90 -5.98 -2.33
CA ASP B 138 12.30 -5.71 -2.19
C ASP B 138 12.71 -5.40 -0.74
N VAL B 139 11.79 -4.79 0.02
CA VAL B 139 12.04 -4.44 1.41
C VAL B 139 12.04 -5.78 2.21
N VAL B 140 11.08 -6.65 1.90
CA VAL B 140 10.94 -7.94 2.53
C VAL B 140 12.22 -8.68 2.28
N LYS B 141 12.73 -8.62 1.04
CA LYS B 141 14.05 -9.13 0.68
C LYS B 141 15.18 -8.63 1.61
N LYS B 142 15.34 -7.31 1.74
CA LYS B 142 16.38 -6.77 2.63
C LYS B 142 16.27 -7.37 4.02
N VAL B 143 15.05 -7.53 4.50
CA VAL B 143 14.89 -8.07 5.81
C VAL B 143 15.36 -9.52 5.88
N GLU B 144 14.84 -10.35 4.98
CA GLU B 144 15.15 -11.77 5.06
C GLU B 144 16.67 -12.01 4.84
N ASN B 145 17.35 -11.13 4.15
CA ASN B 145 18.78 -11.24 4.02
C ASN B 145 19.65 -10.60 5.16
N THR B 146 19.07 -10.11 6.27
CA THR B 146 19.90 -9.56 7.36
C THR B 146 20.74 -10.56 8.12
N LYS B 147 21.93 -10.14 8.56
CA LYS B 147 22.71 -11.00 9.47
C LYS B 147 21.93 -11.42 10.74
N THR B 148 21.88 -12.73 11.02
CA THR B 148 21.21 -13.25 12.19
C THR B 148 22.15 -14.15 12.98
N GLY B 149 21.88 -14.26 14.28
CA GLY B 149 22.67 -15.10 15.15
C GLY B 149 21.84 -16.23 15.65
N LEU B 150 21.88 -16.43 16.97
CA LEU B 150 21.23 -17.52 17.70
C LEU B 150 19.71 -17.50 17.52
N ASN B 151 19.12 -18.70 17.33
CA ASN B 151 17.67 -18.82 17.12
C ASN B 151 17.14 -17.89 16.01
N ASP B 152 17.95 -17.68 14.97
CA ASP B 152 17.56 -16.92 13.77
C ASP B 152 17.12 -15.46 14.07
N LYS B 153 17.67 -14.87 15.14
CA LYS B 153 17.42 -13.48 15.56
C LYS B 153 18.32 -12.45 14.88
N PRO B 154 17.76 -11.45 14.19
CA PRO B 154 18.58 -10.41 13.57
C PRO B 154 19.58 -9.73 14.52
N LYS B 155 20.81 -9.60 14.06
CA LYS B 155 21.87 -8.94 14.83
C LYS B 155 21.54 -7.46 15.04
N LYS B 156 20.95 -6.83 14.02
CA LYS B 156 20.45 -5.47 14.12
C LYS B 156 18.95 -5.54 14.16
N ALA B 157 18.36 -4.83 15.12
CA ALA B 157 16.92 -4.82 15.24
C ALA B 157 16.21 -4.42 13.95
N VAL B 158 15.25 -5.27 13.55
CA VAL B 158 14.41 -5.03 12.41
C VAL B 158 13.04 -4.55 12.89
N LYS B 159 12.82 -3.26 12.76
CA LYS B 159 11.78 -2.62 13.51
C LYS B 159 10.67 -2.15 12.59
N ILE B 160 9.42 -2.31 13.02
CA ILE B 160 8.26 -1.65 12.42
C ILE B 160 8.28 -0.25 13.06
N ASN B 161 8.78 0.71 12.31
CA ASN B 161 9.04 2.04 12.91
C ASN B 161 7.72 2.85 12.86
N ASP B 162 6.88 2.59 11.84
CA ASP B 162 5.49 3.05 11.79
C ASP B 162 4.59 2.09 11.05
N CYS B 163 3.32 2.12 11.36
CA CYS B 163 2.40 1.22 10.62
C CYS B 163 0.97 1.75 10.62
N GLY B 164 0.11 1.24 9.76
CA GLY B 164 -1.18 1.89 9.67
C GLY B 164 -2.04 1.38 8.54
N VAL B 165 -3.23 1.92 8.44
CA VAL B 165 -4.16 1.51 7.42
C VAL B 165 -4.18 2.56 6.33
N LEU B 166 -3.83 2.09 5.14
CA LEU B 166 -4.09 2.74 3.86
C LEU B 166 -5.55 2.52 3.45
N MET C 1 13.13 11.19 -21.76
CA MET C 1 13.11 9.88 -21.01
C MET C 1 12.11 9.91 -19.80
N PRO C 2 11.10 9.03 -19.85
CA PRO C 2 10.11 8.98 -18.79
C PRO C 2 10.73 8.38 -17.50
N VAL C 3 10.27 8.82 -16.34
CA VAL C 3 10.84 8.40 -15.08
C VAL C 3 10.13 7.16 -14.52
N VAL C 4 10.91 6.21 -14.02
CA VAL C 4 10.36 5.00 -13.39
C VAL C 4 9.93 5.31 -11.93
N THR C 5 8.66 5.07 -11.59
CA THR C 5 8.13 5.39 -10.26
C THR C 5 7.86 4.14 -9.40
N ASP C 6 7.77 3.00 -10.08
CA ASP C 6 7.44 1.75 -9.43
C ASP C 6 8.00 0.59 -10.30
N LYS C 7 8.20 -0.56 -9.65
CA LYS C 7 8.82 -1.69 -10.30
C LYS C 7 8.01 -2.95 -9.99
N VAL C 8 7.94 -3.83 -10.99
CA VAL C 8 7.26 -5.11 -10.86
C VAL C 8 8.28 -6.18 -11.29
N TYR C 9 8.22 -7.35 -10.64
CA TYR C 9 8.98 -8.53 -11.04
C TYR C 9 8.13 -9.68 -11.56
N PHE C 10 8.72 -10.47 -12.48
CA PHE C 10 8.20 -11.73 -13.03
C PHE C 10 9.28 -12.78 -12.91
N ASP C 11 9.04 -13.87 -12.16
CA ASP C 11 9.92 -15.05 -12.13
C ASP C 11 9.46 -16.02 -13.19
N ILE C 12 10.31 -16.22 -14.18
CA ILE C 12 9.95 -16.89 -15.42
C ILE C 12 10.42 -18.34 -15.39
N THR C 13 9.57 -19.26 -15.83
CA THR C 13 10.05 -20.62 -16.07
C THR C 13 9.84 -21.00 -17.53
N ILE C 14 10.69 -21.87 -18.07
CA ILE C 14 10.48 -22.46 -19.42
C ILE C 14 10.42 -23.99 -19.29
N GLY C 15 9.29 -24.56 -19.67
CA GLY C 15 9.06 -25.98 -19.51
C GLY C 15 9.30 -26.43 -18.07
N ASP C 16 8.87 -25.61 -17.11
CA ASP C 16 8.95 -25.84 -15.66
C ASP C 16 10.33 -25.49 -15.02
N GLU C 17 11.36 -25.28 -15.82
CA GLU C 17 12.69 -24.92 -15.26
C GLU C 17 12.86 -23.41 -15.12
N PRO C 18 13.30 -22.96 -13.93
CA PRO C 18 13.47 -21.53 -13.67
C PRO C 18 14.55 -20.95 -14.56
N VAL C 19 14.25 -19.85 -15.25
CA VAL C 19 15.24 -19.17 -16.08
C VAL C 19 15.60 -17.77 -15.55
N GLY C 20 14.98 -17.34 -14.46
CA GLY C 20 15.41 -16.11 -13.80
C GLY C 20 14.35 -15.02 -13.71
N ARG C 21 14.73 -13.87 -13.19
CA ARG C 21 13.77 -12.81 -12.86
C ARG C 21 13.84 -11.67 -13.90
N VAL C 22 12.73 -11.12 -14.30
CA VAL C 22 12.74 -9.84 -15.08
C VAL C 22 12.09 -8.79 -14.23
N VAL C 23 12.69 -7.57 -14.16
CA VAL C 23 12.07 -6.45 -13.44
C VAL C 23 11.66 -5.35 -14.46
N ILE C 24 10.40 -4.92 -14.42
CA ILE C 24 9.89 -3.84 -15.23
C ILE C 24 9.69 -2.61 -14.38
N GLY C 25 10.26 -1.48 -14.79
CA GLY C 25 10.05 -0.20 -14.15
C GLY C 25 8.95 0.57 -14.90
N LEU C 26 8.00 1.17 -14.17
CA LEU C 26 6.77 1.64 -14.79
C LEU C 26 6.79 3.19 -14.84
N PHE C 27 6.27 3.76 -15.90
CA PHE C 27 6.24 5.20 -16.09
C PHE C 27 5.02 5.88 -15.44
N GLY C 28 4.93 5.84 -14.10
CA GLY C 28 3.69 6.19 -13.41
C GLY C 28 3.34 7.66 -13.37
N ASN C 29 4.29 8.56 -13.64
CA ASN C 29 3.94 9.99 -13.83
C ASN C 29 3.45 10.29 -15.23
N ASP C 30 3.68 9.36 -16.18
CA ASP C 30 3.31 9.66 -17.57
C ASP C 30 2.02 8.95 -17.95
N VAL C 31 1.83 7.73 -17.45
CA VAL C 31 0.63 6.98 -17.78
C VAL C 31 0.12 6.31 -16.50
N PRO C 32 -0.44 7.08 -15.57
CA PRO C 32 -0.83 6.55 -14.24
C PRO C 32 -1.88 5.42 -14.34
N LYS C 33 -2.85 5.59 -15.22
CA LYS C 33 -3.96 4.63 -15.38
C LYS C 33 -3.49 3.24 -15.92
N THR C 34 -2.61 3.26 -16.91
CA THR C 34 -2.03 2.06 -17.50
C THR C 34 -1.12 1.36 -16.47
N VAL C 35 -0.34 2.17 -15.73
CA VAL C 35 0.59 1.66 -14.76
C VAL C 35 -0.12 0.95 -13.62
N GLU C 36 -1.19 1.57 -13.14
CA GLU C 36 -1.94 1.01 -12.04
C GLU C 36 -2.63 -0.26 -12.44
N ASN C 37 -3.11 -0.32 -13.67
CA ASN C 37 -3.59 -1.65 -14.16
C ASN C 37 -2.53 -2.77 -14.07
N PHE C 38 -1.34 -2.48 -14.58
CA PHE C 38 -0.27 -3.47 -14.62
C PHE C 38 0.17 -3.82 -13.19
N LYS C 39 0.41 -2.81 -12.37
CA LYS C 39 0.77 -3.15 -10.97
C LYS C 39 -0.25 -4.06 -10.30
N GLN C 40 -1.55 -3.73 -10.38
CA GLN C 40 -2.59 -4.55 -9.76
C GLN C 40 -2.76 -5.98 -10.35
N LEU C 41 -2.57 -6.11 -11.66
CA LEU C 41 -2.51 -7.43 -12.27
C LEU C 41 -1.28 -8.27 -11.83
N ALA C 42 -0.14 -7.61 -11.60
CA ALA C 42 1.05 -8.24 -11.05
C ALA C 42 0.86 -8.67 -9.61
N SER C 43 0.26 -7.85 -8.78
CA SER C 43 0.03 -8.28 -7.44
C SER C 43 -1.16 -9.21 -7.32
N GLY C 44 -2.01 -9.29 -8.34
CA GLY C 44 -3.22 -10.06 -8.24
C GLY C 44 -4.25 -9.62 -7.17
N GLU C 45 -4.27 -8.35 -6.79
CA GLU C 45 -5.14 -7.98 -5.63
C GLU C 45 -6.67 -8.00 -5.91
N ASN C 46 -7.08 -7.92 -7.18
CA ASN C 46 -8.51 -8.03 -7.49
C ASN C 46 -9.02 -9.50 -7.63
N GLY C 47 -8.18 -10.51 -7.42
CA GLY C 47 -8.61 -11.91 -7.49
C GLY C 47 -8.24 -12.54 -8.83
N PHE C 48 -7.58 -11.75 -9.66
CA PHE C 48 -7.11 -12.21 -10.97
C PHE C 48 -5.84 -11.45 -11.32
N GLY C 49 -5.05 -12.00 -12.22
CA GLY C 49 -3.79 -11.40 -12.66
C GLY C 49 -2.79 -12.27 -13.39
N TYR C 50 -1.54 -11.82 -13.47
CA TYR C 50 -0.52 -12.42 -14.33
C TYR C 50 0.07 -13.72 -13.78
N LYS C 51 -0.04 -13.95 -12.48
CA LYS C 51 0.57 -15.15 -11.94
C LYS C 51 0.01 -16.39 -12.65
N GLY C 52 0.91 -17.15 -13.28
CA GLY C 52 0.48 -18.43 -13.84
C GLY C 52 0.19 -18.28 -15.32
N SER C 53 0.25 -17.03 -15.83
CA SER C 53 0.00 -16.84 -17.25
C SER C 53 1.27 -17.17 -18.03
N ILE C 54 1.17 -17.19 -19.35
CA ILE C 54 2.32 -17.51 -20.17
C ILE C 54 2.59 -16.40 -21.21
N PHE C 55 3.80 -16.40 -21.79
CA PHE C 55 4.07 -15.72 -23.05
C PHE C 55 3.61 -16.63 -24.23
N HIS C 56 2.45 -16.33 -24.79
CA HIS C 56 1.85 -17.21 -25.78
C HIS C 56 2.44 -16.94 -27.19
N ARG C 57 3.18 -15.86 -27.35
CA ARG C 57 3.72 -15.49 -28.64
C ARG C 57 5.09 -14.81 -28.48
N VAL C 58 6.07 -15.35 -29.19
CA VAL C 58 7.44 -14.96 -29.05
C VAL C 58 8.02 -14.93 -30.45
N ILE C 59 8.61 -13.81 -30.81
CA ILE C 59 9.18 -13.68 -32.14
C ILE C 59 10.59 -13.09 -31.95
N ARG C 60 11.58 -13.95 -32.16
CA ARG C 60 13.00 -13.58 -32.18
C ARG C 60 13.22 -12.25 -32.96
N ASN C 61 13.94 -11.33 -32.35
CA ASN C 61 14.34 -10.07 -32.98
C ASN C 61 13.17 -9.14 -33.16
N PHE C 62 12.16 -9.30 -32.31
CA PHE C 62 10.96 -8.46 -32.31
C PHE C 62 10.43 -8.28 -30.90
N MET C 63 9.65 -9.24 -30.40
CA MET C 63 9.05 -9.11 -29.08
C MET C 63 8.60 -10.45 -28.47
N ILE C 64 8.32 -10.42 -27.16
CA ILE C 64 7.53 -11.44 -26.49
C ILE C 64 6.24 -10.81 -25.94
N GLN C 65 5.16 -11.57 -26.05
CA GLN C 65 3.83 -11.11 -25.71
C GLN C 65 3.20 -12.08 -24.72
N GLY C 66 2.66 -11.54 -23.64
CA GLY C 66 1.82 -12.26 -22.74
C GLY C 66 0.73 -11.42 -22.09
N GLY C 67 0.41 -11.75 -20.85
CA GLY C 67 -0.68 -11.08 -20.17
C GLY C 67 -2.08 -11.66 -20.36
N ASP C 68 -2.25 -12.71 -21.18
CA ASP C 68 -3.60 -13.20 -21.44
C ASP C 68 -3.96 -14.27 -20.42
N PHE C 69 -4.40 -13.83 -19.25
CA PHE C 69 -4.60 -14.74 -18.17
C PHE C 69 -5.99 -15.44 -18.12
N THR C 70 -6.86 -15.16 -19.09
CA THR C 70 -8.16 -15.85 -19.14
C THR C 70 -8.12 -16.95 -20.18
N ASN C 71 -7.59 -16.66 -21.36
CA ASN C 71 -7.57 -17.67 -22.41
C ASN C 71 -6.21 -18.22 -22.82
N PHE C 72 -5.11 -17.61 -22.36
CA PHE C 72 -3.78 -18.11 -22.65
C PHE C 72 -3.41 -18.27 -24.15
N ASP C 73 -3.93 -17.38 -25.00
CA ASP C 73 -3.56 -17.50 -26.39
C ASP C 73 -3.58 -16.23 -27.16
N GLY C 74 -3.81 -15.12 -26.47
CA GLY C 74 -3.93 -13.84 -27.16
C GLY C 74 -5.34 -13.41 -27.48
N THR C 75 -6.35 -14.22 -27.16
CA THR C 75 -7.75 -13.84 -27.42
C THR C 75 -8.44 -13.17 -26.23
N GLY C 76 -7.86 -13.24 -25.02
CA GLY C 76 -8.54 -12.70 -23.84
C GLY C 76 -7.81 -11.63 -23.05
N GLY C 77 -7.94 -11.75 -21.73
CA GLY C 77 -7.40 -10.76 -20.84
C GLY C 77 -8.50 -9.77 -20.50
N LYS C 78 -8.40 -9.15 -19.33
CA LYS C 78 -9.23 -8.00 -18.94
C LYS C 78 -8.39 -7.07 -18.06
N SER C 79 -8.81 -5.81 -17.93
CA SER C 79 -8.13 -4.85 -17.09
C SER C 79 -8.80 -4.78 -15.76
N ILE C 80 -8.21 -4.03 -14.83
CA ILE C 80 -8.90 -3.77 -13.56
C ILE C 80 -10.13 -2.89 -13.68
N TYR C 81 -10.28 -2.18 -14.81
CA TYR C 81 -11.39 -1.23 -15.01
C TYR C 81 -12.60 -1.77 -15.80
N GLY C 82 -12.70 -3.08 -15.96
CA GLY C 82 -13.59 -3.63 -16.99
C GLY C 82 -12.76 -4.25 -18.12
N THR C 83 -13.46 -4.74 -19.14
CA THR C 83 -12.75 -5.49 -20.16
C THR C 83 -11.66 -4.71 -20.89
N ARG C 84 -11.97 -3.46 -21.24
CA ARG C 84 -11.09 -2.65 -22.07
C ARG C 84 -11.03 -1.18 -21.59
N PHE C 85 -9.85 -0.56 -21.68
CA PHE C 85 -9.71 0.88 -21.35
C PHE C 85 -8.95 1.69 -22.41
N ASP C 86 -9.08 3.01 -22.33
CA ASP C 86 -8.70 3.93 -23.42
C ASP C 86 -7.19 4.12 -23.48
N ASP C 87 -6.72 4.51 -24.66
CA ASP C 87 -5.32 4.82 -24.83
C ASP C 87 -5.01 6.10 -24.03
N GLU C 88 -4.25 5.94 -22.97
CA GLU C 88 -3.88 7.04 -22.10
C GLU C 88 -2.93 8.08 -22.74
N ASN C 89 -1.86 7.60 -23.37
CA ASN C 89 -0.83 8.45 -23.90
C ASN C 89 -0.08 7.63 -24.98
N LEU C 90 -0.10 8.13 -26.19
CA LEU C 90 0.46 7.41 -27.31
C LEU C 90 1.78 8.04 -27.74
N LYS C 91 2.28 9.01 -26.96
CA LYS C 91 3.46 9.81 -27.33
C LYS C 91 4.82 9.27 -26.88
N ILE C 92 4.85 8.35 -25.89
CA ILE C 92 6.10 7.73 -25.58
C ILE C 92 6.43 6.71 -26.65
N LYS C 93 7.65 6.81 -27.18
CA LYS C 93 8.16 5.95 -28.24
C LYS C 93 8.67 4.63 -27.73
N HIS C 94 8.67 3.66 -28.63
CA HIS C 94 9.17 2.31 -28.34
C HIS C 94 10.70 2.38 -28.41
N PHE C 95 11.37 1.39 -27.83
CA PHE C 95 12.84 1.39 -27.71
C PHE C 95 13.12 -0.03 -27.27
N VAL C 96 14.31 -0.55 -27.49
CA VAL C 96 14.61 -1.90 -27.03
C VAL C 96 14.42 -2.01 -25.51
N GLY C 97 13.62 -2.98 -25.08
CA GLY C 97 13.34 -3.16 -23.67
C GLY C 97 12.06 -2.50 -23.19
N ALA C 98 11.31 -1.84 -24.09
CA ALA C 98 10.04 -1.16 -23.74
C ALA C 98 8.98 -2.18 -23.45
N VAL C 99 8.12 -1.84 -22.50
CA VAL C 99 6.97 -2.67 -22.15
C VAL C 99 5.76 -1.86 -22.64
N SER C 100 4.91 -2.49 -23.43
CA SER C 100 3.88 -1.76 -24.13
C SER C 100 2.57 -2.54 -24.15
N MET C 101 1.43 -1.84 -24.29
CA MET C 101 0.17 -2.55 -24.32
C MET C 101 -0.16 -3.09 -25.67
N ALA C 102 -0.50 -4.36 -25.70
CA ALA C 102 -0.96 -4.98 -26.94
C ALA C 102 -2.40 -4.52 -27.01
N ASN C 103 -3.00 -4.55 -28.18
CA ASN C 103 -4.37 -4.16 -28.25
C ASN C 103 -5.09 -4.76 -29.48
N ALA C 104 -6.33 -4.37 -29.69
CA ALA C 104 -7.01 -4.80 -30.91
C ALA C 104 -7.46 -3.55 -31.68
N GLY C 105 -6.61 -2.54 -31.76
CA GLY C 105 -7.04 -1.29 -32.37
C GLY C 105 -7.14 -0.25 -31.27
N PRO C 106 -7.53 0.97 -31.63
CA PRO C 106 -7.62 2.08 -30.66
C PRO C 106 -8.57 1.83 -29.47
N ASN C 107 -8.16 2.37 -28.33
CA ASN C 107 -8.86 2.25 -27.04
C ASN C 107 -9.31 0.84 -26.68
N SER C 108 -8.39 -0.10 -26.79
CA SER C 108 -8.75 -1.47 -26.47
C SER C 108 -7.73 -2.19 -25.63
N ASN C 109 -7.14 -1.49 -24.66
CA ASN C 109 -6.16 -2.10 -23.74
C ASN C 109 -6.84 -2.98 -22.72
N GLY C 110 -6.16 -4.05 -22.33
CA GLY C 110 -6.77 -5.11 -21.55
C GLY C 110 -5.76 -5.48 -20.50
N SER C 111 -5.32 -6.75 -20.52
CA SER C 111 -4.19 -7.22 -19.72
C SER C 111 -2.96 -7.55 -20.57
N GLN C 112 -3.14 -7.68 -21.89
CA GLN C 112 -2.02 -8.16 -22.68
C GLN C 112 -0.95 -7.11 -22.96
N PHE C 113 0.32 -7.51 -22.91
CA PHE C 113 1.47 -6.60 -23.02
C PHE C 113 2.56 -7.34 -23.76
N PHE C 114 3.55 -6.57 -24.22
CA PHE C 114 4.70 -7.14 -24.84
C PHE C 114 5.96 -6.37 -24.43
N VAL C 115 7.09 -7.06 -24.53
CA VAL C 115 8.40 -6.49 -24.24
C VAL C 115 9.14 -6.59 -25.53
N THR C 116 9.60 -5.46 -26.09
CA THR C 116 10.36 -5.51 -27.35
C THR C 116 11.83 -5.94 -27.18
N THR C 117 12.39 -6.62 -28.19
CA THR C 117 13.78 -6.94 -28.10
C THR C 117 14.59 -6.37 -29.23
N ALA C 118 13.96 -5.47 -30.00
CA ALA C 118 14.58 -4.83 -31.14
C ALA C 118 13.87 -3.49 -31.33
N PRO C 119 14.51 -2.56 -32.06
CA PRO C 119 13.82 -1.29 -32.38
C PRO C 119 12.47 -1.66 -33.03
N THR C 120 11.37 -0.96 -32.70
CA THR C 120 10.07 -1.23 -33.36
C THR C 120 9.27 0.04 -33.61
N PRO C 121 9.86 1.03 -34.29
CA PRO C 121 9.23 2.35 -34.52
C PRO C 121 7.89 2.38 -35.25
N TRP C 122 7.58 1.37 -36.08
CA TRP C 122 6.28 1.26 -36.76
C TRP C 122 5.09 1.16 -35.79
N LEU C 123 5.37 0.79 -34.55
CA LEU C 123 4.37 0.68 -33.53
C LEU C 123 4.14 2.03 -32.84
N ASP C 124 5.04 2.97 -33.05
CA ASP C 124 4.90 4.27 -32.37
C ASP C 124 3.54 4.93 -32.67
N GLY C 125 2.89 5.51 -31.64
CA GLY C 125 1.55 6.06 -31.77
C GLY C 125 0.40 5.05 -31.86
N ARG C 126 0.67 3.78 -31.58
CA ARG C 126 -0.30 2.73 -31.87
C ARG C 126 -0.49 1.88 -30.63
N HIS C 127 0.55 1.86 -29.79
CA HIS C 127 0.54 1.05 -28.58
C HIS C 127 1.02 1.95 -27.47
N VAL C 128 0.34 1.91 -26.32
CA VAL C 128 0.76 2.69 -25.16
C VAL C 128 2.06 2.09 -24.56
N VAL C 129 3.16 2.84 -24.59
CA VAL C 129 4.37 2.38 -23.88
C VAL C 129 4.24 2.87 -22.45
N PHE C 130 4.41 1.98 -21.48
CA PHE C 130 4.19 2.39 -20.09
C PHE C 130 5.32 1.99 -19.12
N GLY C 131 6.36 1.33 -19.64
CA GLY C 131 7.51 0.98 -18.84
C GLY C 131 8.66 0.47 -19.66
N LYS C 132 9.65 -0.08 -18.95
CA LYS C 132 10.82 -0.66 -19.54
C LYS C 132 11.45 -1.71 -18.59
N VAL C 133 12.20 -2.61 -19.19
CA VAL C 133 12.93 -3.61 -18.45
C VAL C 133 14.10 -2.96 -17.76
N VAL C 134 14.12 -2.92 -16.44
CA VAL C 134 15.29 -2.41 -15.70
C VAL C 134 16.22 -3.50 -15.13
N GLU C 135 15.81 -4.75 -15.15
CA GLU C 135 16.72 -5.81 -14.78
C GLU C 135 16.24 -7.05 -15.49
N GLY C 136 17.16 -7.97 -15.77
CA GLY C 136 16.79 -9.24 -16.36
C GLY C 136 16.73 -9.26 -17.88
N MET C 137 17.46 -8.39 -18.55
CA MET C 137 17.35 -8.40 -20.00
C MET C 137 17.91 -9.71 -20.65
N ASP C 138 18.78 -10.44 -19.93
CA ASP C 138 19.26 -11.82 -20.23
C ASP C 138 18.19 -12.94 -20.21
N VAL C 139 17.23 -12.78 -19.30
CA VAL C 139 16.07 -13.63 -19.18
C VAL C 139 15.13 -13.38 -20.35
N VAL C 140 14.91 -12.13 -20.69
CA VAL C 140 14.12 -11.78 -21.88
C VAL C 140 14.71 -12.47 -23.11
N LYS C 141 16.02 -12.34 -23.28
CA LYS C 141 16.74 -13.04 -24.33
C LYS C 141 16.48 -14.55 -24.43
N LYS C 142 16.66 -15.27 -23.30
CA LYS C 142 16.32 -16.70 -23.22
C LYS C 142 14.90 -17.00 -23.67
N VAL C 143 13.92 -16.27 -23.17
CA VAL C 143 12.58 -16.28 -23.78
C VAL C 143 12.46 -16.10 -25.30
N GLU C 144 12.98 -15.01 -25.86
CA GLU C 144 12.88 -14.80 -27.30
C GLU C 144 13.66 -15.85 -28.12
N ASN C 145 14.52 -16.63 -27.48
CA ASN C 145 15.26 -17.62 -28.23
C ASN C 145 14.74 -19.02 -28.01
N THR C 146 13.63 -19.15 -27.27
CA THR C 146 13.00 -20.46 -27.03
C THR C 146 12.40 -20.91 -28.37
N LYS C 147 12.51 -22.18 -28.69
CA LYS C 147 11.96 -22.66 -29.96
C LYS C 147 10.43 -22.62 -29.97
N THR C 148 9.84 -22.26 -31.13
CA THR C 148 8.41 -22.03 -31.29
C THR C 148 7.85 -22.83 -32.51
N GLY C 149 6.52 -22.93 -32.56
CA GLY C 149 5.79 -23.54 -33.63
C GLY C 149 5.00 -22.55 -34.48
N LEU C 150 3.84 -23.00 -34.94
CA LEU C 150 3.19 -22.45 -36.17
C LEU C 150 2.62 -21.02 -36.13
N ASN C 151 2.15 -20.61 -34.96
CA ASN C 151 1.64 -19.27 -34.84
C ASN C 151 2.85 -18.42 -34.51
N ASP C 152 3.30 -18.51 -33.27
CA ASP C 152 4.72 -18.41 -32.88
C ASP C 152 4.63 -18.74 -31.38
N LYS C 153 4.07 -19.90 -31.06
CA LYS C 153 3.89 -20.33 -29.67
C LYS C 153 5.11 -21.10 -29.20
N PRO C 154 5.68 -20.76 -28.07
CA PRO C 154 6.75 -21.61 -27.50
C PRO C 154 6.35 -23.14 -27.43
N LYS C 155 7.21 -24.05 -27.91
CA LYS C 155 7.00 -25.50 -27.78
C LYS C 155 6.87 -25.89 -26.31
N LYS C 156 7.75 -25.33 -25.48
CA LYS C 156 7.63 -25.48 -24.05
C LYS C 156 7.08 -24.19 -23.44
N ALA C 157 6.17 -24.32 -22.47
CA ALA C 157 5.50 -23.15 -21.86
C ALA C 157 6.45 -22.20 -21.12
N VAL C 158 6.30 -20.92 -21.44
CA VAL C 158 7.06 -19.88 -20.84
C VAL C 158 6.07 -19.22 -19.89
N LYS C 159 6.27 -19.46 -18.61
CA LYS C 159 5.25 -19.14 -17.62
C LYS C 159 5.80 -18.11 -16.66
N ILE C 160 4.91 -17.30 -16.14
CA ILE C 160 5.20 -16.42 -15.03
C ILE C 160 4.85 -17.20 -13.84
N ASN C 161 5.86 -17.76 -13.24
CA ASN C 161 5.65 -18.66 -12.14
C ASN C 161 5.28 -17.85 -10.88
N ASP C 162 5.89 -16.67 -10.71
CA ASP C 162 5.44 -15.73 -9.67
C ASP C 162 5.65 -14.31 -10.15
N CYS C 163 4.92 -13.37 -9.56
CA CYS C 163 5.04 -11.95 -9.88
C CYS C 163 4.59 -11.10 -8.70
N GLY C 164 4.98 -9.85 -8.71
CA GLY C 164 4.59 -8.96 -7.65
C GLY C 164 5.13 -7.59 -7.81
N VAL C 165 4.90 -6.73 -6.82
CA VAL C 165 5.33 -5.36 -6.86
C VAL C 165 6.50 -5.29 -5.88
N LEU C 166 7.65 -5.01 -6.44
CA LEU C 166 8.78 -4.59 -5.62
C LEU C 166 8.45 -3.19 -5.14
N DAL D 1 10.60 28.07 11.03
CA DAL D 1 10.73 26.68 11.51
CB DAL D 1 12.03 26.08 11.00
C DAL D 1 9.51 25.90 10.94
O DAL D 1 8.95 26.37 9.95
N MLE D 2 9.08 24.78 11.56
CN MLE D 2 9.67 24.36 12.84
CA MLE D 2 7.87 24.02 11.00
CB MLE D 2 8.12 22.55 10.58
CG MLE D 2 9.31 22.20 9.65
CD1 MLE D 2 9.03 20.97 8.81
CD2 MLE D 2 9.63 23.29 8.61
C MLE D 2 6.67 24.09 11.95
O MLE D 2 6.46 23.02 12.83
N MLE D 3 5.87 25.17 11.95
CN MLE D 3 5.83 26.09 10.79
CA MLE D 3 4.88 25.32 13.04
CB MLE D 3 5.11 26.61 13.86
CG MLE D 3 6.46 26.65 14.64
CD1 MLE D 3 6.43 27.95 15.41
CD2 MLE D 3 6.67 25.61 15.72
C MLE D 3 3.45 25.06 12.61
O MLE D 3 3.21 24.86 11.26
N MVA D 4 2.45 24.99 13.51
CN MVA D 4 2.62 24.90 14.95
CA MVA D 4 1.07 24.90 12.99
CB MVA D 4 0.44 23.50 13.02
CG1 MVA D 4 -0.86 23.48 12.22
CG2 MVA D 4 1.45 22.48 12.55
C MVA D 4 0.09 25.83 13.65
O MVA D 4 -0.60 25.54 14.82
N BMT D 5 0.33 27.62 13.46
CN BMT D 5 0.96 27.74 12.14
CA BMT D 5 -0.66 28.56 14.12
C BMT D 5 -1.72 28.63 13.01
O BMT D 5 -1.39 28.13 11.97
CB BMT D 5 0.30 29.66 14.59
OG1 BMT D 5 0.64 30.27 13.37
CG2 BMT D 5 1.62 29.15 15.30
CD1 BMT D 5 1.46 28.20 16.48
CD2 BMT D 5 2.65 30.21 15.74
CE BMT D 5 2.12 31.08 16.86
CZ BMT D 5 1.66 32.44 16.53
CH BMT D 5 0.43 33.10 17.16
N ABA D 6 -2.95 29.12 12.98
CA ABA D 6 -3.83 30.07 13.62
C ABA D 6 -3.65 31.58 13.62
O ABA D 6 -4.04 32.24 14.54
CB ABA D 6 -4.75 29.47 14.66
CG ABA D 6 -5.03 28.00 14.39
N SAR D 7 -3.17 32.12 12.51
CA SAR D 7 -3.21 33.58 12.43
C SAR D 7 -1.90 34.13 11.92
O SAR D 7 -1.85 34.68 10.64
CN SAR D 7 -2.74 31.43 11.28
N MLE D 8 -0.81 34.01 12.69
CN MLE D 8 -0.88 33.66 14.10
CA MLE D 8 0.44 34.56 12.14
CB MLE D 8 1.17 35.52 13.10
CG MLE D 8 1.49 36.84 12.38
CD1 MLE D 8 2.53 36.68 11.24
CD2 MLE D 8 0.23 37.62 11.91
C MLE D 8 1.30 33.61 11.29
O MLE D 8 1.61 33.96 9.93
N VAL D 9 1.70 32.48 11.82
CA VAL D 9 2.50 31.49 11.03
C VAL D 9 3.94 31.92 11.03
N MLE D 10 4.76 31.24 11.83
CN MLE D 10 4.27 29.91 12.26
CA MLE D 10 6.18 31.65 12.01
CB MLE D 10 6.50 31.83 13.49
CG MLE D 10 5.60 32.94 14.08
CD1 MLE D 10 5.78 33.05 15.62
CD2 MLE D 10 5.69 34.29 13.30
C MLE D 10 7.18 30.77 11.31
O MLE D 10 6.72 29.69 10.56
N ALA D 11 8.47 31.09 11.40
CA ALA D 11 9.56 30.29 10.80
C ALA D 11 9.79 28.96 11.59
N DAL E 1 12.71 -28.56 11.78
CA DAL E 1 12.86 -28.14 10.35
CB DAL E 1 14.19 -28.62 9.71
C DAL E 1 12.64 -26.66 10.05
O DAL E 1 13.46 -25.81 10.52
N MLE E 2 11.59 -26.34 9.28
CN MLE E 2 10.63 -27.40 8.92
CA MLE E 2 11.20 -24.92 8.91
CB MLE E 2 11.23 -24.84 7.38
CG MLE E 2 12.47 -24.26 6.71
CD1 MLE E 2 13.73 -24.23 7.58
CD2 MLE E 2 12.78 -24.97 5.40
C MLE E 2 9.82 -24.53 9.40
O MLE E 2 8.73 -24.38 8.53
N MLE E 3 9.65 -24.39 10.71
CN MLE E 3 10.72 -24.40 11.71
CA MLE E 3 8.28 -24.24 11.18
CB MLE E 3 7.95 -25.25 12.28
CG MLE E 3 8.02 -26.69 11.81
CD1 MLE E 3 7.94 -27.63 13.02
CD2 MLE E 3 6.89 -27.02 10.82
C MLE E 3 7.93 -22.82 11.54
O MLE E 3 8.99 -21.96 11.71
N MVA E 4 6.65 -22.46 11.66
CN MVA E 4 5.48 -23.26 11.32
CA MVA E 4 6.26 -21.16 12.22
CB MVA E 4 5.88 -20.10 11.17
CG1 MVA E 4 6.04 -18.73 11.81
CG2 MVA E 4 6.68 -20.19 9.88
C MVA E 4 5.03 -21.37 13.07
O MVA E 4 4.45 -20.31 13.81
N BMT E 5 6.29 -21.32 14.75
CN BMT E 5 7.74 -21.37 14.79
CA BMT E 5 5.41 -21.39 15.97
C BMT E 5 5.73 -20.28 16.94
O BMT E 5 6.68 -19.54 16.75
CB BMT E 5 5.50 -22.80 16.62
OG1 BMT E 5 6.76 -22.78 17.28
CG2 BMT E 5 5.50 -24.03 15.70
CD1 BMT E 5 4.22 -24.11 14.88
CD2 BMT E 5 5.70 -25.34 16.49
CE BMT E 5 4.46 -25.59 17.33
CZ BMT E 5 4.43 -25.43 18.81
CH BMT E 5 3.60 -26.33 19.70
N ABA E 6 4.90 -20.15 17.97
CA ABA E 6 4.94 -19.05 18.93
C ABA E 6 5.06 -19.54 20.41
O ABA E 6 4.06 -19.65 21.11
CB ABA E 6 3.63 -18.23 18.80
CG ABA E 6 3.39 -17.70 17.35
N SAR E 7 6.26 -19.87 20.89
CA SAR E 7 6.30 -20.49 22.22
C SAR E 7 7.50 -21.37 22.32
O SAR E 7 8.57 -20.93 23.09
CN SAR E 7 7.50 -19.64 20.14
N MLE E 8 7.52 -22.52 21.64
CN MLE E 8 6.17 -22.98 21.26
CA MLE E 8 8.84 -22.98 21.10
CB MLE E 8 9.94 -23.48 22.05
CG MLE E 8 11.24 -22.63 22.13
CD1 MLE E 8 12.49 -23.25 21.46
CD2 MLE E 8 11.06 -21.18 21.68
C MLE E 8 8.85 -23.76 19.80
O MLE E 8 7.74 -24.51 19.34
N VAL E 9 10.03 -23.70 19.19
CA VAL E 9 10.19 -23.65 17.74
C VAL E 9 10.23 -24.97 16.97
N MLE E 10 11.02 -25.93 17.45
CN MLE E 10 11.64 -25.73 18.76
CA MLE E 10 11.18 -27.25 16.79
CB MLE E 10 9.86 -27.99 16.46
CG MLE E 10 8.78 -28.13 17.55
CD1 MLE E 10 7.74 -29.16 17.11
CD2 MLE E 10 9.31 -28.45 18.96
C MLE E 10 12.06 -27.27 15.56
O MLE E 10 12.12 -26.14 14.71
N ALA E 11 12.80 -28.37 15.39
CA ALA E 11 13.29 -28.95 14.12
C ALA E 11 13.42 -28.12 12.83
N DAL F 1 2.74 -8.85 -41.60
CA DAL F 1 3.75 -7.80 -41.28
CB DAL F 1 4.87 -7.83 -42.33
C DAL F 1 4.35 -8.08 -39.89
O DAL F 1 4.57 -9.28 -39.57
N MLE F 2 4.62 -7.04 -39.09
CN MLE F 2 4.87 -5.72 -39.73
CA MLE F 2 5.05 -7.24 -37.66
CB MLE F 2 6.52 -6.86 -37.48
CG MLE F 2 7.54 -7.83 -38.10
CD1 MLE F 2 8.91 -7.19 -38.26
CD2 MLE F 2 7.71 -9.10 -37.29
C MLE F 2 4.24 -6.56 -36.55
O MLE F 2 4.79 -5.47 -35.89
N MLE F 3 3.03 -7.02 -36.20
CN MLE F 3 2.67 -8.40 -36.58
CA MLE F 3 2.22 -6.29 -35.24
CB MLE F 3 0.90 -5.91 -35.91
CG MLE F 3 1.02 -5.28 -37.30
CD1 MLE F 3 -0.40 -5.12 -37.83
CD2 MLE F 3 1.73 -3.92 -37.28
C MLE F 3 2.00 -6.95 -33.88
O MLE F 3 2.44 -8.25 -33.69
N MVA F 4 1.42 -6.26 -32.89
CN MVA F 4 0.83 -4.96 -33.16
CA MVA F 4 1.09 -6.93 -31.60
CB MVA F 4 2.03 -6.54 -30.44
CG1 MVA F 4 1.88 -7.49 -29.25
CG2 MVA F 4 3.50 -6.35 -30.85
C MVA F 4 -0.38 -6.76 -31.22
O MVA F 4 -0.81 -5.74 -30.32
N BMT F 5 -1.25 -7.59 -31.80
CN BMT F 5 -0.80 -8.67 -32.70
CA BMT F 5 -2.65 -7.41 -31.53
C BMT F 5 -3.17 -8.50 -30.64
O BMT F 5 -2.47 -9.48 -30.34
CB BMT F 5 -3.50 -7.21 -32.78
OG1 BMT F 5 -3.58 -8.46 -33.43
CG2 BMT F 5 -2.96 -6.09 -33.71
CD1 BMT F 5 -2.97 -4.71 -33.07
CD2 BMT F 5 -3.67 -6.04 -35.07
CE BMT F 5 -5.09 -5.54 -34.87
CZ BMT F 5 -6.23 -6.41 -35.17
CH BMT F 5 -7.60 -5.79 -35.11
N ABA F 6 -4.42 -8.33 -30.20
CA ABA F 6 -5.07 -9.27 -29.25
C ABA F 6 -6.33 -9.89 -29.84
O ABA F 6 -7.43 -9.44 -29.54
CB ABA F 6 -5.40 -8.56 -27.92
CG ABA F 6 -4.20 -7.93 -27.29
N SAR F 7 -6.18 -10.91 -30.69
CA SAR F 7 -7.39 -11.46 -31.30
C SAR F 7 -7.25 -11.74 -32.79
O SAR F 7 -7.21 -13.12 -33.17
CN SAR F 7 -4.94 -11.58 -31.05
N MLE F 8 -7.15 -10.71 -33.64
CN MLE F 8 -7.30 -9.33 -33.16
CA MLE F 8 -6.82 -10.95 -35.04
CB MLE F 8 -7.84 -10.25 -35.96
CG MLE F 8 -7.68 -10.63 -37.43
CD1 MLE F 8 -8.02 -12.11 -37.70
CD2 MLE F 8 -8.40 -9.64 -38.32
C MLE F 8 -5.39 -10.52 -35.37
O MLE F 8 -5.13 -9.17 -35.61
N VAL F 9 -4.46 -11.45 -35.49
CA VAL F 9 -3.01 -11.11 -35.57
C VAL F 9 -2.50 -10.24 -36.80
N MLE F 10 -2.78 -10.68 -38.02
CN MLE F 10 -3.48 -11.94 -38.14
CA MLE F 10 -2.45 -9.87 -39.23
CB MLE F 10 -2.91 -8.39 -39.13
CG MLE F 10 -4.43 -8.18 -39.17
CD1 MLE F 10 -4.81 -6.86 -38.51
CD2 MLE F 10 -5.00 -8.20 -40.59
C MLE F 10 -1.02 -9.89 -39.71
O MLE F 10 0.04 -9.98 -38.79
N ALA F 11 -0.82 -9.80 -41.03
CA ALA F 11 0.51 -9.87 -41.66
C ALA F 11 1.44 -8.66 -41.39
#